data_2ZBY
#
_entry.id   2ZBY
#
_cell.length_a   53.437
_cell.length_b   53.586
_cell.length_c   141.339
_cell.angle_alpha   90.00
_cell.angle_beta   90.00
_cell.angle_gamma   90.00
#
_symmetry.space_group_name_H-M   'P 21 21 21'
#
loop_
_entity.id
_entity.type
_entity.pdbx_description
1 polymer 'Cytochrome P450-SU1'
2 non-polymer 'PROTOPORPHYRIN IX CONTAINING FE'
3 water water
#
_entity_poly.entity_id   1
_entity_poly.type   'polypeptide(L)'
_entity_poly.pdbx_seq_one_letter_code
;MTDTATTPQTTDAPAFPSNRSCPYQLPDGYAQLRDTPGPLHRVTLYDGRQAWVVTKHEAARKLLGDPRLSSNRTDDNFPA
TSPAFEAVRESPQAFIGLDPPEHGTRRRMTISEFTVKRIKGMRPEVEEVVHGFLDEMLAAGPTADLVSQFALPVPSMVIC
RLLGVPYADHEFFQDASKRLVQSTDAQSALTARNDLAGYLDGLITQFQTEPGAGLVGALVADQLANGEIDREELISTAML
LLIAGHETTASMTSLSVITLLDHPEQYAALRADRSLVPGAVEELLRYLAIADIAGGRVATADIEVEGQLIRAGEGVIVVN
SIANRDGTVYEDPDALDIHRSARHHLAFGFGVHQCLGQNLARLELEVILNALMDRVPTLRLAVPVEQLVLRPGTTIQGVN
ELPVTWHHHHHH
;
_entity_poly.pdbx_strand_id   A
#
loop_
_chem_comp.id
_chem_comp.type
_chem_comp.name
_chem_comp.formula
HEM non-polymer 'PROTOPORPHYRIN IX CONTAINING FE' 'C34 H32 Fe N4 O4'
#
# COMPACT_ATOMS: atom_id res chain seq x y z
N PRO A 8 21.62 -15.38 28.20
CA PRO A 8 20.58 -14.41 27.86
C PRO A 8 20.42 -14.22 26.35
N GLN A 9 19.21 -13.85 25.92
CA GLN A 9 18.83 -13.80 24.50
C GLN A 9 18.74 -12.38 23.93
N THR A 10 19.01 -11.39 24.77
CA THR A 10 18.99 -9.99 24.37
C THR A 10 19.84 -9.77 23.12
N THR A 11 19.36 -8.92 22.21
CA THR A 11 20.12 -8.54 21.04
C THR A 11 20.06 -7.03 20.81
N ASP A 12 21.07 -6.50 20.13
CA ASP A 12 21.07 -5.10 19.68
C ASP A 12 20.69 -4.99 18.20
N ALA A 13 20.29 -6.13 17.61
CA ALA A 13 19.75 -6.17 16.24
C ALA A 13 18.50 -7.06 16.20
N PRO A 14 17.36 -6.55 16.70
CA PRO A 14 16.13 -7.35 16.79
C PRO A 14 15.63 -7.86 15.44
N ALA A 15 14.96 -9.02 15.46
CA ALA A 15 14.27 -9.55 14.30
C ALA A 15 13.29 -8.52 13.73
N PHE A 16 13.34 -8.35 12.41
CA PHE A 16 12.46 -7.42 11.69
C PHE A 16 11.97 -8.12 10.42
N PRO A 17 10.68 -7.92 10.04
CA PRO A 17 9.65 -7.12 10.67
C PRO A 17 8.95 -7.81 11.83
N SER A 18 8.08 -7.06 12.53
CA SER A 18 7.21 -7.60 13.55
C SER A 18 5.76 -7.55 13.10
N ASN A 19 4.92 -8.39 13.69
CA ASN A 19 3.50 -8.44 13.34
C ASN A 19 2.68 -7.60 14.32
N ARG A 20 1.61 -6.98 13.81
CA ARG A 20 0.70 -6.22 14.66
C ARG A 20 -0.20 -7.16 15.45
N SER A 21 -0.48 -6.81 16.69
CA SER A 21 -1.48 -7.50 17.50
C SER A 21 -2.76 -6.68 17.59
N CYS A 22 -2.66 -5.38 17.34
CA CYS A 22 -3.80 -4.47 17.25
C CYS A 22 -3.71 -3.79 15.90
N PRO A 23 -4.84 -3.68 15.16
CA PRO A 23 -4.78 -3.16 13.80
C PRO A 23 -4.19 -1.76 13.70
N TYR A 24 -4.38 -0.94 14.73
CA TYR A 24 -3.99 0.47 14.69
C TYR A 24 -2.91 0.86 15.70
N GLN A 25 -2.17 -0.14 16.19
CA GLN A 25 -1.08 0.14 17.12
C GLN A 25 0.24 -0.47 16.66
N LEU A 26 1.34 0.19 16.98
CA LEU A 26 2.66 -0.32 16.68
C LEU A 26 2.89 -1.65 17.39
N PRO A 27 3.50 -2.62 16.71
CA PRO A 27 3.95 -3.81 17.41
C PRO A 27 4.88 -3.38 18.55
N ASP A 28 4.85 -4.11 19.66
CA ASP A 28 5.73 -3.79 20.79
C ASP A 28 7.17 -3.49 20.36
N GLY A 29 7.75 -4.36 19.52
CA GLY A 29 9.11 -4.17 18.99
C GLY A 29 9.32 -2.82 18.29
N TYR A 30 8.29 -2.37 17.57
CA TYR A 30 8.34 -1.11 16.82
C TYR A 30 8.27 0.10 17.75
N ALA A 31 7.43 0.01 18.78
CA ALA A 31 7.37 1.06 19.79
C ALA A 31 8.74 1.23 20.46
N GLN A 32 9.41 0.10 20.72
CA GLN A 32 10.79 0.11 21.24
C GLN A 32 11.75 0.87 20.33
N LEU A 33 11.71 0.57 19.04
CA LEU A 33 12.55 1.25 18.04
C LEU A 33 12.23 2.74 17.94
N ARG A 34 10.93 3.07 17.99
CA ARG A 34 10.47 4.45 17.99
C ARG A 34 11.15 5.25 19.11
N ASP A 35 11.25 4.64 20.29
CA ASP A 35 11.76 5.30 21.51
C ASP A 35 13.28 5.36 21.62
N THR A 36 13.97 4.48 20.91
CA THR A 36 15.43 4.42 20.92
C THR A 36 15.99 5.62 20.16
N PRO A 37 16.93 6.36 20.79
CA PRO A 37 17.51 7.56 20.18
C PRO A 37 18.20 7.31 18.86
N GLY A 38 18.20 8.31 17.99
CA GLY A 38 18.91 8.23 16.73
C GLY A 38 18.01 7.80 15.58
N PRO A 39 18.42 8.18 14.37
CA PRO A 39 17.66 7.92 13.15
C PRO A 39 17.62 6.45 12.72
N LEU A 40 18.67 5.69 13.05
CA LEU A 40 18.82 4.33 12.55
C LEU A 40 18.91 3.31 13.66
N HIS A 41 18.50 2.09 13.34
CA HIS A 41 18.71 0.97 14.24
C HIS A 41 19.02 -0.29 13.46
N ARG A 42 19.93 -1.07 14.00
CA ARG A 42 20.22 -2.38 13.40
C ARG A 42 19.06 -3.34 13.64
N VAL A 43 18.79 -4.16 12.63
CA VAL A 43 17.82 -5.26 12.73
C VAL A 43 18.40 -6.50 12.06
N THR A 44 17.79 -7.65 12.34
CA THR A 44 18.15 -8.89 11.68
C THR A 44 16.97 -9.38 10.82
N LEU A 45 17.23 -9.59 9.54
CA LEU A 45 16.20 -10.05 8.61
C LEU A 45 16.03 -11.56 8.71
N TYR A 46 15.02 -12.10 8.03
CA TYR A 46 14.63 -13.52 8.18
C TYR A 46 15.77 -14.47 7.85
N ASP A 47 16.68 -14.03 6.99
CA ASP A 47 17.79 -14.86 6.47
C ASP A 47 19.08 -14.70 7.28
N GLY A 48 18.98 -13.98 8.39
CA GLY A 48 20.13 -13.75 9.27
C GLY A 48 20.97 -12.55 8.94
N ARG A 49 20.70 -11.90 7.79
CA ARG A 49 21.45 -10.71 7.41
C ARG A 49 21.04 -9.51 8.22
N GLN A 50 22.01 -8.67 8.58
CA GLN A 50 21.72 -7.43 9.27
C GLN A 50 21.46 -6.31 8.28
N ALA A 51 20.48 -5.48 8.61
CA ALA A 51 20.15 -4.28 7.85
C ALA A 51 19.89 -3.13 8.81
N TRP A 52 19.76 -1.93 8.27
CA TRP A 52 19.33 -0.77 9.04
C TRP A 52 17.85 -0.50 8.84
N VAL A 53 17.19 -0.06 9.91
CA VAL A 53 15.86 0.57 9.78
C VAL A 53 15.95 2.04 10.14
N VAL A 54 15.17 2.84 9.43
CA VAL A 54 15.07 4.28 9.70
C VAL A 54 13.80 4.49 10.52
N THR A 55 13.95 5.14 11.67
CA THR A 55 12.89 5.15 12.69
C THR A 55 12.40 6.52 13.10
N LYS A 56 12.92 7.56 12.48
CA LYS A 56 12.53 8.92 12.82
C LYS A 56 12.07 9.63 11.56
N HIS A 57 11.20 10.63 11.72
CA HIS A 57 10.48 11.22 10.59
C HIS A 57 11.35 12.05 9.64
N GLU A 58 12.11 13.00 10.18
CA GLU A 58 12.92 13.84 9.31
C GLU A 58 14.03 13.01 8.61
N ALA A 59 14.67 12.13 9.37
CA ALA A 59 15.70 11.25 8.80
C ALA A 59 15.15 10.37 7.69
N ALA A 60 13.90 9.94 7.84
CA ALA A 60 13.23 9.17 6.80
C ALA A 60 13.06 9.96 5.52
N ARG A 61 12.62 11.22 5.63
CA ARG A 61 12.54 12.08 4.46
C ARG A 61 13.91 12.27 3.78
N LYS A 62 14.93 12.51 4.60
CA LYS A 62 16.27 12.72 4.08
C LYS A 62 16.77 11.50 3.32
N LEU A 63 16.56 10.32 3.89
CA LEU A 63 17.11 9.12 3.28
C LEU A 63 16.30 8.67 2.06
N LEU A 64 14.98 8.92 2.07
CA LEU A 64 14.17 8.63 0.89
C LEU A 64 14.53 9.53 -0.28
N GLY A 65 15.09 10.70 0.04
CA GLY A 65 15.52 11.68 -0.97
C GLY A 65 16.96 11.49 -1.44
N ASP A 66 17.68 10.57 -0.79
CA ASP A 66 19.12 10.40 -1.04
C ASP A 66 19.35 9.45 -2.22
N PRO A 67 19.92 9.94 -3.34
CA PRO A 67 20.07 9.02 -4.49
C PRO A 67 21.08 7.89 -4.27
N ARG A 68 21.85 7.98 -3.19
CA ARG A 68 22.73 6.87 -2.77
C ARG A 68 21.97 5.66 -2.21
N LEU A 69 20.68 5.85 -1.92
CA LEU A 69 19.84 4.71 -1.54
C LEU A 69 18.98 4.28 -2.72
N SER A 70 19.38 3.15 -3.30
CA SER A 70 18.80 2.63 -4.52
C SER A 70 17.57 1.78 -4.23
N SER A 71 16.61 1.85 -5.15
CA SER A 71 15.38 1.04 -5.09
C SER A 71 15.49 -0.25 -5.89
N ASN A 72 16.71 -0.61 -6.31
CA ASN A 72 16.94 -1.76 -7.20
C ASN A 72 16.76 -3.10 -6.49
N ARG A 73 15.58 -3.70 -6.68
CA ARG A 73 15.21 -4.92 -5.98
C ARG A 73 15.97 -6.13 -6.50
N THR A 74 16.62 -5.98 -7.65
CA THR A 74 17.40 -7.09 -8.23
C THR A 74 18.80 -7.18 -7.61
N ASP A 75 19.23 -6.14 -6.88
CA ASP A 75 20.51 -6.15 -6.19
C ASP A 75 20.53 -7.25 -5.12
N ASP A 76 21.54 -8.11 -5.14
CA ASP A 76 21.70 -9.16 -4.13
C ASP A 76 21.61 -8.66 -2.70
N ASN A 77 22.03 -7.42 -2.46
CA ASN A 77 22.04 -6.83 -1.13
C ASN A 77 20.75 -6.13 -0.72
N PHE A 78 19.74 -6.15 -1.59
CA PHE A 78 18.47 -5.53 -1.26
C PHE A 78 17.82 -6.25 -0.06
N PRO A 79 17.30 -5.49 0.93
CA PRO A 79 16.76 -6.07 2.16
C PRO A 79 15.41 -6.77 2.03
N ALA A 80 15.39 -7.94 1.38
CA ALA A 80 14.21 -8.81 1.34
C ALA A 80 13.81 -9.22 2.75
N THR A 81 12.52 -9.15 3.07
CA THR A 81 12.07 -9.44 4.42
C THR A 81 11.36 -10.78 4.58
N SER A 82 11.22 -11.51 3.47
CA SER A 82 10.66 -12.87 3.47
C SER A 82 11.07 -13.62 2.19
N PRO A 83 10.96 -14.96 2.20
CA PRO A 83 11.22 -15.74 0.99
C PRO A 83 10.27 -15.40 -0.16
N ALA A 84 9.04 -15.00 0.17
CA ALA A 84 8.04 -14.58 -0.82
C ALA A 84 8.54 -13.41 -1.65
N PHE A 85 9.30 -12.51 -1.03
CA PHE A 85 9.82 -11.31 -1.71
C PHE A 85 10.76 -11.64 -2.88
N GLU A 86 11.17 -12.92 -2.97
CA GLU A 86 12.00 -13.41 -4.09
C GLU A 86 11.25 -13.52 -5.43
N ALA A 87 9.98 -13.10 -5.45
CA ALA A 87 9.18 -13.13 -6.67
C ALA A 87 9.43 -11.91 -7.54
N VAL A 88 9.69 -10.78 -6.88
CA VAL A 88 9.88 -9.49 -7.56
C VAL A 88 11.19 -9.51 -8.35
N ARG A 89 12.24 -9.99 -7.69
CA ARG A 89 13.61 -9.93 -8.21
C ARG A 89 13.84 -10.83 -9.44
N GLU A 90 12.88 -11.70 -9.73
CA GLU A 90 12.97 -12.67 -10.82
C GLU A 90 12.72 -12.06 -12.21
N SER A 91 11.73 -11.17 -12.29
CA SER A 91 11.28 -10.63 -13.59
C SER A 91 11.65 -9.15 -13.70
N PRO A 92 11.46 -8.55 -14.90
CA PRO A 92 11.84 -7.15 -15.07
C PRO A 92 11.07 -6.27 -14.10
N GLN A 93 11.74 -5.27 -13.57
CA GLN A 93 11.13 -4.43 -12.55
C GLN A 93 10.22 -3.40 -13.20
N ALA A 94 9.11 -3.11 -12.52
CA ALA A 94 8.33 -1.90 -12.80
C ALA A 94 9.11 -0.74 -12.18
N PHE A 95 8.67 0.49 -12.45
CA PHE A 95 9.47 1.66 -12.06
C PHE A 95 9.68 1.80 -10.56
N ILE A 96 8.84 1.13 -9.76
CA ILE A 96 9.04 1.10 -8.30
C ILE A 96 10.43 0.54 -7.92
N GLY A 97 10.99 -0.30 -8.78
CA GLY A 97 12.26 -0.97 -8.52
C GLY A 97 13.40 -0.38 -9.33
N LEU A 98 13.13 0.77 -9.96
CA LEU A 98 14.10 1.46 -10.79
C LEU A 98 14.63 2.75 -10.14
N ASP A 99 15.83 3.14 -10.54
CA ASP A 99 16.41 4.41 -10.14
C ASP A 99 16.46 5.33 -11.33
N PRO A 100 16.62 6.65 -11.10
CA PRO A 100 16.92 7.51 -12.24
C PRO A 100 18.11 6.98 -13.06
N PRO A 101 18.10 7.17 -14.39
CA PRO A 101 17.08 7.85 -15.17
C PRO A 101 15.91 6.96 -15.60
N GLU A 102 16.07 5.65 -15.47
CA GLU A 102 15.06 4.71 -15.97
C GLU A 102 13.75 4.91 -15.21
N HIS A 103 13.86 5.21 -13.93
CA HIS A 103 12.64 5.44 -13.13
C HIS A 103 11.69 6.47 -13.77
N GLY A 104 12.22 7.64 -14.08
CA GLY A 104 11.43 8.75 -14.60
C GLY A 104 10.84 8.43 -15.96
N THR A 105 11.64 7.81 -16.83
CA THR A 105 11.14 7.55 -18.19
C THR A 105 9.94 6.64 -18.15
N ARG A 106 9.96 5.68 -17.22
CA ARG A 106 8.84 4.74 -17.04
C ARG A 106 7.68 5.37 -16.27
N ARG A 107 7.97 6.00 -15.12
CA ARG A 107 6.88 6.66 -14.37
C ARG A 107 6.09 7.64 -15.22
N ARG A 108 6.78 8.46 -16.00
CA ARG A 108 6.14 9.43 -16.89
C ARG A 108 5.16 8.83 -17.90
N MET A 109 5.30 7.53 -18.19
CA MET A 109 4.39 6.87 -19.11
C MET A 109 3.02 6.65 -18.48
N THR A 110 2.94 6.81 -17.17
CA THR A 110 1.70 6.48 -16.44
C THR A 110 1.06 7.67 -15.73
N ILE A 111 1.81 8.76 -15.57
CA ILE A 111 1.35 9.87 -14.72
C ILE A 111 0.07 10.58 -15.18
N SER A 112 -0.22 10.55 -16.48
CA SER A 112 -1.37 11.26 -17.02
C SER A 112 -2.68 10.68 -16.49
N GLU A 113 -2.65 9.44 -15.99
CA GLU A 113 -3.86 8.81 -15.48
C GLU A 113 -4.18 9.24 -14.06
N PHE A 114 -3.24 9.94 -13.42
CA PHE A 114 -3.33 10.21 -11.99
C PHE A 114 -3.26 11.71 -11.67
N THR A 115 -3.44 12.56 -12.68
CA THR A 115 -3.42 14.03 -12.48
C THR A 115 -4.57 14.47 -11.59
N VAL A 116 -4.46 15.65 -10.99
CA VAL A 116 -5.56 16.17 -10.17
C VAL A 116 -6.87 16.30 -10.95
N LYS A 117 -6.76 16.76 -12.21
CA LYS A 117 -7.90 16.88 -13.09
C LYS A 117 -8.55 15.51 -13.35
N ARG A 118 -7.75 14.50 -13.62
CA ARG A 118 -8.25 13.14 -13.86
C ARG A 118 -8.92 12.58 -12.62
N ILE A 119 -8.29 12.75 -11.47
CA ILE A 119 -8.85 12.23 -10.22
C ILE A 119 -10.17 12.92 -9.95
N LYS A 120 -10.23 14.24 -10.18
CA LYS A 120 -11.49 14.98 -9.99
C LYS A 120 -12.57 14.40 -10.89
N GLY A 121 -12.22 14.18 -12.16
CA GLY A 121 -13.14 13.62 -13.13
C GLY A 121 -13.62 12.21 -12.79
N MET A 122 -12.88 11.50 -11.94
CA MET A 122 -13.22 10.13 -11.55
C MET A 122 -14.23 10.01 -10.42
N ARG A 123 -14.56 11.13 -9.77
CA ARG A 123 -15.46 11.10 -8.63
C ARG A 123 -16.79 10.40 -8.93
N PRO A 124 -17.50 10.78 -10.03
CA PRO A 124 -18.77 10.09 -10.33
C PRO A 124 -18.63 8.58 -10.43
N GLU A 125 -17.60 8.12 -11.13
CA GLU A 125 -17.32 6.71 -11.29
C GLU A 125 -17.09 6.05 -9.93
N VAL A 126 -16.27 6.68 -9.10
CA VAL A 126 -15.98 6.10 -7.79
C VAL A 126 -17.26 6.04 -6.94
N GLU A 127 -18.07 7.09 -6.96
CA GLU A 127 -19.32 7.11 -6.18
C GLU A 127 -20.28 6.04 -6.67
N GLU A 128 -20.38 5.87 -7.99
CA GLU A 128 -21.25 4.84 -8.56
C GLU A 128 -20.81 3.47 -8.09
N VAL A 129 -19.51 3.20 -8.18
CA VAL A 129 -18.96 1.91 -7.82
C VAL A 129 -19.16 1.64 -6.33
N VAL A 130 -18.86 2.63 -5.50
CA VAL A 130 -19.01 2.49 -4.05
C VAL A 130 -20.48 2.17 -3.69
N HIS A 131 -21.39 2.99 -4.19
CA HIS A 131 -22.82 2.82 -3.89
C HIS A 131 -23.42 1.55 -4.50
N GLY A 132 -22.90 1.13 -5.66
CA GLY A 132 -23.31 -0.14 -6.27
C GLY A 132 -23.01 -1.36 -5.42
N PHE A 133 -21.75 -1.48 -4.95
CA PHE A 133 -21.38 -2.60 -4.13
C PHE A 133 -22.03 -2.54 -2.77
N LEU A 134 -22.31 -1.32 -2.30
CA LEU A 134 -23.10 -1.13 -1.08
C LEU A 134 -24.56 -1.56 -1.31
N ASP A 135 -25.18 -1.10 -2.41
CA ASP A 135 -26.53 -1.57 -2.79
C ASP A 135 -26.64 -3.07 -2.60
N GLU A 136 -25.66 -3.78 -3.18
CA GLU A 136 -25.65 -5.24 -3.22
C GLU A 136 -25.47 -5.87 -1.84
N MET A 137 -24.45 -5.43 -1.11
CA MET A 137 -24.16 -6.00 0.22
C MET A 137 -25.33 -5.79 1.19
N LEU A 138 -25.88 -4.58 1.17
CA LEU A 138 -26.98 -4.22 2.07
C LEU A 138 -28.26 -4.99 1.73
N ALA A 139 -28.57 -5.09 0.44
CA ALA A 139 -29.77 -5.80 -0.01
C ALA A 139 -29.75 -7.26 0.45
N ALA A 140 -28.58 -7.89 0.33
CA ALA A 140 -28.33 -9.25 0.79
C ALA A 140 -28.55 -9.42 2.29
N GLY A 141 -28.35 -8.33 3.05
CA GLY A 141 -28.54 -8.37 4.50
C GLY A 141 -27.33 -8.93 5.23
N PRO A 142 -27.23 -8.64 6.54
CA PRO A 142 -26.11 -9.11 7.37
C PRO A 142 -26.27 -10.60 7.68
N THR A 143 -25.23 -11.32 8.08
CA THR A 143 -23.87 -10.85 8.33
C THR A 143 -23.06 -10.85 7.01
N ALA A 144 -22.19 -9.86 6.82
CA ALA A 144 -21.37 -9.82 5.59
C ALA A 144 -19.88 -9.71 5.90
N ASP A 145 -19.04 -10.22 5.00
CA ASP A 145 -17.60 -9.93 5.05
C ASP A 145 -17.32 -8.65 4.27
N LEU A 146 -16.98 -7.58 5.01
CA LEU A 146 -16.75 -6.28 4.41
C LEU A 146 -15.58 -6.32 3.42
N VAL A 147 -14.62 -7.21 3.65
CA VAL A 147 -13.43 -7.31 2.76
C VAL A 147 -13.82 -7.78 1.36
N SER A 148 -14.37 -9.00 1.26
CA SER A 148 -14.71 -9.60 -0.04
C SER A 148 -15.93 -8.96 -0.71
N GLN A 149 -16.85 -8.40 0.08
CA GLN A 149 -18.08 -7.89 -0.51
C GLN A 149 -18.03 -6.40 -0.82
N PHE A 150 -16.97 -5.71 -0.37
CA PHE A 150 -16.93 -4.26 -0.48
C PHE A 150 -15.53 -3.64 -0.59
N ALA A 151 -14.68 -3.90 0.42
CA ALA A 151 -13.37 -3.23 0.51
C ALA A 151 -12.47 -3.56 -0.66
N LEU A 152 -12.54 -4.81 -1.13
CA LEU A 152 -11.71 -5.23 -2.27
C LEU A 152 -12.33 -4.92 -3.64
N PRO A 153 -13.60 -5.34 -3.87
CA PRO A 153 -14.14 -5.12 -5.23
C PRO A 153 -14.25 -3.65 -5.66
N VAL A 154 -14.46 -2.74 -4.73
CA VAL A 154 -14.60 -1.33 -5.09
C VAL A 154 -13.31 -0.80 -5.75
N PRO A 155 -12.17 -0.80 -5.04
CA PRO A 155 -10.97 -0.29 -5.70
C PRO A 155 -10.54 -1.16 -6.88
N SER A 156 -10.88 -2.44 -6.84
CA SER A 156 -10.59 -3.34 -7.96
C SER A 156 -11.27 -2.85 -9.24
N MET A 157 -12.57 -2.58 -9.16
CA MET A 157 -13.31 -2.14 -10.33
C MET A 157 -12.75 -0.80 -10.84
N VAL A 158 -12.44 0.09 -9.91
CA VAL A 158 -11.95 1.41 -10.28
C VAL A 158 -10.61 1.30 -11.02
N ILE A 159 -9.65 0.60 -10.43
CA ILE A 159 -8.31 0.51 -11.07
C ILE A 159 -8.38 -0.27 -12.38
N CYS A 160 -9.25 -1.28 -12.45
CA CYS A 160 -9.39 -2.02 -13.70
C CYS A 160 -9.87 -1.13 -14.86
N ARG A 161 -10.83 -0.24 -14.57
CA ARG A 161 -11.26 0.75 -15.57
C ARG A 161 -10.14 1.69 -15.99
N LEU A 162 -9.36 2.15 -15.02
CA LEU A 162 -8.23 3.02 -15.31
C LEU A 162 -7.23 2.31 -16.23
N LEU A 163 -7.03 1.03 -15.96
CA LEU A 163 -6.03 0.24 -16.70
C LEU A 163 -6.51 -0.31 -18.03
N GLY A 164 -7.82 -0.49 -18.17
CA GLY A 164 -8.37 -1.21 -19.31
C GLY A 164 -8.33 -2.72 -19.12
N VAL A 165 -8.32 -3.17 -17.87
CA VAL A 165 -8.40 -4.60 -17.54
C VAL A 165 -9.88 -4.98 -17.41
N PRO A 166 -10.35 -5.97 -18.19
CA PRO A 166 -11.78 -6.28 -18.18
C PRO A 166 -12.24 -6.88 -16.85
N TYR A 167 -13.23 -6.25 -16.23
CA TYR A 167 -13.68 -6.70 -14.91
C TYR A 167 -14.31 -8.10 -14.96
N ALA A 168 -14.65 -8.58 -16.17
CA ALA A 168 -15.20 -9.92 -16.36
C ALA A 168 -14.23 -11.02 -15.87
N ASP A 169 -12.94 -10.68 -15.83
CA ASP A 169 -11.93 -11.63 -15.38
C ASP A 169 -11.59 -11.48 -13.91
N HIS A 170 -12.43 -10.76 -13.16
CA HIS A 170 -12.09 -10.39 -11.78
C HIS A 170 -11.82 -11.57 -10.84
N GLU A 171 -12.58 -12.66 -10.97
CA GLU A 171 -12.38 -13.79 -10.07
C GLU A 171 -10.95 -14.30 -10.19
N PHE A 172 -10.49 -14.43 -11.44
CA PHE A 172 -9.12 -14.83 -11.69
C PHE A 172 -8.08 -13.87 -11.09
N PHE A 173 -8.13 -12.60 -11.48
CA PHE A 173 -7.04 -11.69 -11.09
C PHE A 173 -7.10 -11.25 -9.64
N GLN A 174 -8.31 -11.22 -9.06
CA GLN A 174 -8.46 -10.95 -7.64
C GLN A 174 -7.89 -12.09 -6.79
N ASP A 175 -8.15 -13.34 -7.21
CA ASP A 175 -7.55 -14.50 -6.54
C ASP A 175 -6.02 -14.47 -6.62
N ALA A 176 -5.48 -14.13 -7.80
CA ALA A 176 -4.05 -14.05 -7.98
C ALA A 176 -3.44 -12.95 -7.11
N SER A 177 -4.13 -11.80 -7.01
CA SER A 177 -3.71 -10.71 -6.14
C SER A 177 -3.71 -11.19 -4.69
N LYS A 178 -4.82 -11.82 -4.26
CA LYS A 178 -4.97 -12.35 -2.90
C LYS A 178 -3.88 -13.37 -2.57
N ARG A 179 -3.60 -14.28 -3.52
CA ARG A 179 -2.54 -15.28 -3.32
C ARG A 179 -1.17 -14.65 -3.14
N LEU A 180 -0.88 -13.61 -3.93
CA LEU A 180 0.39 -12.90 -3.81
C LEU A 180 0.52 -12.18 -2.47
N VAL A 181 -0.53 -11.45 -2.07
CA VAL A 181 -0.51 -10.66 -0.82
C VAL A 181 -0.44 -11.56 0.42
N GLN A 182 -1.09 -12.73 0.33
CA GLN A 182 -1.13 -13.68 1.45
C GLN A 182 -0.02 -14.72 1.39
N SER A 183 0.92 -14.55 0.46
CA SER A 183 1.97 -15.54 0.21
C SER A 183 2.99 -15.63 1.35
N THR A 184 3.23 -16.85 1.81
CA THR A 184 4.14 -17.10 2.94
C THR A 184 5.47 -17.71 2.50
N ASP A 185 5.57 -18.07 1.22
CA ASP A 185 6.76 -18.72 0.66
C ASP A 185 7.04 -18.23 -0.76
N ALA A 186 8.22 -18.56 -1.27
CA ALA A 186 8.64 -18.16 -2.61
C ALA A 186 7.81 -18.79 -3.74
N GLN A 187 7.50 -20.08 -3.62
CA GLN A 187 6.82 -20.79 -4.69
C GLN A 187 5.38 -20.33 -4.91
N SER A 188 4.70 -19.99 -3.82
CA SER A 188 3.33 -19.48 -3.87
C SER A 188 3.30 -18.07 -4.48
N ALA A 189 4.31 -17.27 -4.16
CA ALA A 189 4.42 -15.90 -4.70
C ALA A 189 4.77 -15.91 -6.19
N LEU A 190 5.75 -16.73 -6.56
CA LEU A 190 6.16 -16.91 -7.98
C LEU A 190 5.01 -17.38 -8.87
N THR A 191 4.24 -18.34 -8.37
CA THR A 191 3.08 -18.86 -9.09
C THR A 191 2.01 -17.78 -9.30
N ALA A 192 1.70 -17.03 -8.23
CA ALA A 192 0.71 -15.96 -8.33
C ALA A 192 1.19 -14.87 -9.31
N ARG A 193 2.48 -14.53 -9.23
CA ARG A 193 3.04 -13.53 -10.15
C ARG A 193 2.97 -14.00 -11.59
N ASN A 194 3.39 -15.24 -11.85
CA ASN A 194 3.35 -15.82 -13.19
C ASN A 194 1.94 -15.94 -13.78
N ASP A 195 0.97 -16.26 -12.91
CA ASP A 195 -0.44 -16.28 -13.30
C ASP A 195 -0.92 -14.91 -13.81
N LEU A 196 -0.62 -13.86 -13.03
CA LEU A 196 -0.96 -12.49 -13.44
C LEU A 196 -0.20 -12.05 -14.68
N ALA A 197 1.09 -12.40 -14.75
CA ALA A 197 1.94 -12.06 -15.89
C ALA A 197 1.42 -12.66 -17.22
N GLY A 198 1.00 -13.93 -17.17
CA GLY A 198 0.45 -14.59 -18.36
C GLY A 198 -0.86 -13.98 -18.79
N TYR A 199 -1.69 -13.63 -17.81
CA TYR A 199 -2.95 -12.99 -18.07
C TYR A 199 -2.77 -11.62 -18.73
N LEU A 200 -1.90 -10.79 -18.16
CA LEU A 200 -1.59 -9.49 -18.76
C LEU A 200 -0.94 -9.61 -20.14
N ASP A 201 -0.10 -10.63 -20.31
CA ASP A 201 0.54 -10.88 -21.61
C ASP A 201 -0.50 -11.11 -22.71
N GLY A 202 -1.53 -11.89 -22.41
CA GLY A 202 -2.61 -12.13 -23.37
C GLY A 202 -3.41 -10.86 -23.63
N LEU A 203 -3.59 -10.04 -22.59
CA LEU A 203 -4.30 -8.78 -22.74
C LEU A 203 -3.55 -7.86 -23.70
N ILE A 204 -2.23 -7.83 -23.58
CA ILE A 204 -1.41 -7.02 -24.50
C ILE A 204 -1.62 -7.44 -25.95
N THR A 205 -1.57 -8.75 -26.22
CA THR A 205 -1.80 -9.26 -27.57
C THR A 205 -3.19 -8.87 -28.09
N GLN A 206 -4.20 -8.99 -27.24
CA GLN A 206 -5.55 -8.54 -27.59
C GLN A 206 -5.61 -7.06 -27.97
N PHE A 207 -4.94 -6.21 -27.19
CA PHE A 207 -4.84 -4.78 -27.53
C PHE A 207 -4.11 -4.51 -28.87
N GLN A 208 -3.14 -5.36 -29.23
CA GLN A 208 -2.41 -5.19 -30.49
C GLN A 208 -3.30 -5.46 -31.69
N THR A 209 -4.23 -6.38 -31.51
CA THR A 209 -5.23 -6.70 -32.53
C THR A 209 -6.34 -5.66 -32.55
N GLU A 210 -6.86 -5.32 -31.38
CA GLU A 210 -7.98 -4.41 -31.31
C GLU A 210 -7.69 -3.41 -30.20
N PRO A 211 -7.31 -2.19 -30.59
CA PRO A 211 -7.02 -1.15 -29.62
C PRO A 211 -8.21 -0.88 -28.71
N GLY A 212 -7.93 -0.33 -27.53
CA GLY A 212 -9.00 -0.06 -26.58
C GLY A 212 -8.56 0.91 -25.52
N ALA A 213 -9.53 1.33 -24.72
CA ALA A 213 -9.28 2.31 -23.67
C ALA A 213 -8.49 1.73 -22.50
N GLY A 214 -7.97 2.63 -21.68
CA GLY A 214 -7.25 2.26 -20.49
C GLY A 214 -5.76 2.41 -20.69
N LEU A 215 -5.06 2.57 -19.59
CA LEU A 215 -3.64 2.83 -19.62
C LEU A 215 -2.88 1.70 -20.33
N VAL A 216 -3.27 0.44 -20.08
CA VAL A 216 -2.60 -0.67 -20.77
C VAL A 216 -2.80 -0.52 -22.29
N GLY A 217 -4.01 -0.16 -22.71
CA GLY A 217 -4.30 0.07 -24.13
C GLY A 217 -3.41 1.15 -24.73
N ALA A 218 -3.23 2.23 -23.99
CA ALA A 218 -2.41 3.36 -24.45
C ALA A 218 -0.94 2.95 -24.56
N LEU A 219 -0.44 2.22 -23.55
CA LEU A 219 0.97 1.82 -23.54
C LEU A 219 1.24 0.86 -24.70
N VAL A 220 0.28 0.00 -24.99
CA VAL A 220 0.43 -0.92 -26.12
C VAL A 220 0.47 -0.21 -27.46
N ALA A 221 -0.46 0.74 -27.65
CA ALA A 221 -0.57 1.45 -28.92
C ALA A 221 0.59 2.41 -29.19
N ASP A 222 1.20 2.91 -28.12
CA ASP A 222 2.21 3.96 -28.23
C ASP A 222 3.61 3.43 -27.90
N GLN A 223 3.98 3.45 -26.62
CA GLN A 223 5.35 3.12 -26.24
C GLN A 223 5.78 1.72 -26.67
N LEU A 224 4.92 0.72 -26.46
CA LEU A 224 5.29 -0.63 -26.88
C LEU A 224 5.52 -0.69 -28.40
N ALA A 225 4.64 -0.05 -29.18
CA ALA A 225 4.75 -0.02 -30.65
C ALA A 225 6.00 0.70 -31.14
N ASN A 226 6.54 1.57 -30.29
CA ASN A 226 7.81 2.24 -30.55
C ASN A 226 9.03 1.56 -29.93
N GLY A 227 8.81 0.43 -29.27
CA GLY A 227 9.90 -0.28 -28.57
C GLY A 227 10.51 0.54 -27.44
N GLU A 228 9.73 1.46 -26.88
CA GLU A 228 10.21 2.37 -25.84
C GLU A 228 10.00 1.79 -24.44
N ILE A 229 9.27 0.68 -24.37
CA ILE A 229 9.11 -0.12 -23.17
C ILE A 229 9.14 -1.57 -23.63
N ASP A 230 9.76 -2.44 -22.83
CA ASP A 230 9.74 -3.87 -23.13
C ASP A 230 8.37 -4.46 -22.81
N ARG A 231 7.95 -5.47 -23.56
CA ARG A 231 6.69 -6.15 -23.26
C ARG A 231 6.65 -6.59 -21.80
N GLU A 232 7.74 -7.18 -21.31
CA GLU A 232 7.78 -7.66 -19.94
C GLU A 232 7.71 -6.51 -18.93
N GLU A 233 8.31 -5.38 -19.28
CA GLU A 233 8.21 -4.18 -18.46
C GLU A 233 6.77 -3.66 -18.40
N LEU A 234 6.08 -3.66 -19.54
CA LEU A 234 4.66 -3.29 -19.56
C LEU A 234 3.85 -4.22 -18.65
N ILE A 235 4.08 -5.52 -18.75
CA ILE A 235 3.44 -6.47 -17.86
C ILE A 235 3.68 -6.10 -16.38
N SER A 236 4.94 -5.85 -16.03
CA SER A 236 5.28 -5.57 -14.63
C SER A 236 4.64 -4.26 -14.16
N THR A 237 4.59 -3.30 -15.08
CA THR A 237 4.00 -1.98 -14.77
C THR A 237 2.50 -2.10 -14.52
N ALA A 238 1.80 -2.80 -15.42
CA ALA A 238 0.37 -3.04 -15.27
C ALA A 238 0.11 -3.83 -13.99
N MET A 239 0.98 -4.78 -13.69
CA MET A 239 0.82 -5.59 -12.48
C MET A 239 0.97 -4.76 -11.22
N LEU A 240 1.97 -3.90 -11.20
CA LEU A 240 2.18 -3.01 -10.08
C LEU A 240 0.95 -2.16 -9.82
N LEU A 241 0.42 -1.56 -10.89
CA LEU A 241 -0.73 -0.67 -10.75
C LEU A 241 -1.97 -1.44 -10.35
N LEU A 242 -2.13 -2.66 -10.88
CA LEU A 242 -3.28 -3.50 -10.54
C LEU A 242 -3.27 -3.89 -9.08
N ILE A 243 -2.14 -4.44 -8.63
CA ILE A 243 -2.06 -4.92 -7.24
C ILE A 243 -2.13 -3.77 -6.24
N ALA A 244 -1.35 -2.71 -6.46
CA ALA A 244 -1.40 -1.56 -5.55
C ALA A 244 -2.81 -0.99 -5.54
N GLY A 245 -3.40 -0.89 -6.72
CA GLY A 245 -4.73 -0.33 -6.89
C GLY A 245 -5.81 -1.05 -6.09
N HIS A 246 -5.70 -2.38 -6.03
CA HIS A 246 -6.61 -3.30 -5.31
C HIS A 246 -6.31 -3.26 -3.81
N GLU A 247 -5.04 -3.53 -3.48
CA GLU A 247 -4.73 -4.03 -2.14
C GLU A 247 -4.60 -2.94 -1.10
N THR A 248 -4.10 -1.79 -1.50
CA THR A 248 -3.86 -0.74 -0.55
C THR A 248 -5.17 -0.14 -0.03
N THR A 249 -6.03 0.27 -0.95
CA THR A 249 -7.33 0.86 -0.62
CA THR A 249 -7.29 0.87 -0.54
C THR A 249 -8.18 -0.15 0.14
N ALA A 250 -8.14 -1.41 -0.28
CA ALA A 250 -8.87 -2.49 0.46
C ALA A 250 -8.47 -2.50 1.95
N SER A 251 -7.16 -2.47 2.21
CA SER A 251 -6.66 -2.50 3.59
C SER A 251 -6.98 -1.22 4.33
N MET A 252 -6.89 -0.07 3.65
CA MET A 252 -7.23 1.18 4.30
C MET A 252 -8.71 1.20 4.71
N THR A 253 -9.56 0.62 3.88
CA THR A 253 -11.00 0.56 4.17
C THR A 253 -11.29 -0.30 5.40
N SER A 254 -10.82 -1.54 5.38
CA SER A 254 -11.05 -2.48 6.48
C SER A 254 -10.49 -1.96 7.81
N LEU A 255 -9.23 -1.55 7.78
CA LEU A 255 -8.59 -1.06 9.00
C LEU A 255 -9.19 0.26 9.51
N SER A 256 -9.60 1.15 8.60
CA SER A 256 -10.25 2.42 9.01
C SER A 256 -11.59 2.16 9.69
N VAL A 257 -12.36 1.23 9.16
CA VAL A 257 -13.66 0.88 9.76
C VAL A 257 -13.45 0.36 11.19
N ILE A 258 -12.51 -0.57 11.34
CA ILE A 258 -12.17 -1.14 12.66
C ILE A 258 -11.74 -0.03 13.63
N THR A 259 -10.83 0.82 13.15
CA THR A 259 -10.30 1.91 13.98
C THR A 259 -11.39 2.91 14.36
N LEU A 260 -12.25 3.28 13.40
CA LEU A 260 -13.28 4.28 13.68
C LEU A 260 -14.32 3.76 14.66
N LEU A 261 -14.65 2.48 14.53
CA LEU A 261 -15.59 1.84 15.46
C LEU A 261 -15.00 1.74 16.87
N ASP A 262 -13.68 1.58 16.97
CA ASP A 262 -12.97 1.62 18.27
C ASP A 262 -12.77 3.01 18.85
N HIS A 263 -13.11 4.03 18.07
CA HIS A 263 -13.05 5.40 18.54
C HIS A 263 -14.39 6.06 18.24
N PRO A 264 -15.47 5.59 18.91
CA PRO A 264 -16.83 6.01 18.54
C PRO A 264 -17.08 7.52 18.66
N GLU A 265 -16.38 8.19 19.57
CA GLU A 265 -16.54 9.63 19.74
C GLU A 265 -16.06 10.38 18.50
N GLN A 266 -14.92 9.96 17.97
CA GLN A 266 -14.37 10.55 16.75
C GLN A 266 -15.21 10.20 15.54
N TYR A 267 -15.68 8.96 15.46
CA TYR A 267 -16.52 8.52 14.35
C TYR A 267 -17.85 9.28 14.30
N ALA A 268 -18.45 9.49 15.48
CA ALA A 268 -19.66 10.28 15.57
C ALA A 268 -19.41 11.72 15.14
N ALA A 269 -18.27 12.28 15.55
CA ALA A 269 -17.88 13.63 15.18
C ALA A 269 -17.71 13.78 13.67
N LEU A 270 -17.13 12.74 13.06
CA LEU A 270 -16.92 12.68 11.61
C LEU A 270 -18.26 12.71 10.87
N ARG A 271 -19.20 11.90 11.34
CA ARG A 271 -20.54 11.85 10.75
C ARG A 271 -21.27 13.19 10.82
N ALA A 272 -21.11 13.90 11.93
CA ALA A 272 -21.80 15.16 12.15
C ALA A 272 -21.24 16.33 11.33
N ASP A 273 -20.00 16.19 10.88
CA ASP A 273 -19.32 17.26 10.14
C ASP A 273 -18.47 16.62 9.05
N ARG A 274 -19.06 16.48 7.86
CA ARG A 274 -18.38 15.77 6.77
C ARG A 274 -17.18 16.52 6.19
N SER A 275 -17.07 17.81 6.48
CA SER A 275 -15.88 18.58 6.09
C SER A 275 -14.61 18.04 6.78
N LEU A 276 -14.80 17.22 7.81
CA LEU A 276 -13.69 16.57 8.53
C LEU A 276 -13.12 15.37 7.79
N VAL A 277 -13.85 14.85 6.80
CA VAL A 277 -13.43 13.59 6.17
C VAL A 277 -12.04 13.66 5.53
N PRO A 278 -11.76 14.67 4.69
CA PRO A 278 -10.40 14.68 4.10
C PRO A 278 -9.27 14.63 5.14
N GLY A 279 -9.38 15.45 6.19
CA GLY A 279 -8.38 15.45 7.27
C GLY A 279 -8.34 14.12 8.02
N ALA A 280 -9.50 13.51 8.25
CA ALA A 280 -9.58 12.22 8.92
C ALA A 280 -8.91 11.12 8.09
N VAL A 281 -9.07 11.20 6.78
CA VAL A 281 -8.39 10.26 5.88
C VAL A 281 -6.87 10.40 6.04
N GLU A 282 -6.36 11.63 6.12
CA GLU A 282 -4.91 11.84 6.31
C GLU A 282 -4.43 11.25 7.63
N GLU A 283 -5.21 11.49 8.69
CA GLU A 283 -4.88 10.94 9.98
C GLU A 283 -4.89 9.41 9.99
N LEU A 284 -5.90 8.82 9.34
CA LEU A 284 -5.96 7.37 9.21
C LEU A 284 -4.77 6.81 8.42
N LEU A 285 -4.35 7.52 7.37
CA LEU A 285 -3.19 7.12 6.60
C LEU A 285 -1.94 7.13 7.46
N ARG A 286 -1.74 8.24 8.20
CA ARG A 286 -0.60 8.36 9.13
C ARG A 286 -0.59 7.23 10.14
N TYR A 287 -1.76 7.04 10.76
CA TYR A 287 -1.91 6.17 11.92
C TYR A 287 -1.83 4.70 11.58
N LEU A 288 -2.38 4.35 10.43
CA LEU A 288 -2.46 2.96 10.02
C LEU A 288 -1.26 2.52 9.20
N ALA A 289 -0.62 3.47 8.50
CA ALA A 289 0.62 3.23 7.76
C ALA A 289 0.80 1.78 7.25
N ILE A 290 0.00 1.43 6.24
CA ILE A 290 -0.14 0.04 5.82
C ILE A 290 1.01 -0.52 4.99
N ALA A 291 1.91 0.34 4.52
CA ALA A 291 2.94 -0.08 3.57
C ALA A 291 4.46 0.05 3.95
N ASP A 292 4.87 -0.46 5.12
CA ASP A 292 6.32 -0.61 5.40
C ASP A 292 7.04 -1.56 4.45
N ILE A 293 6.29 -2.50 3.87
CA ILE A 293 6.83 -3.45 2.88
C ILE A 293 7.46 -2.73 1.68
N ALA A 294 7.11 -1.46 1.53
CA ALA A 294 7.67 -0.57 0.51
C ALA A 294 8.51 0.56 1.13
N GLY A 295 9.54 0.19 1.88
CA GLY A 295 10.52 1.14 2.36
C GLY A 295 11.94 0.65 2.15
N GLY A 296 12.08 -0.50 1.49
CA GLY A 296 13.42 -1.09 1.28
C GLY A 296 14.32 -0.35 0.29
N ARG A 297 15.61 -0.29 0.64
CA ARG A 297 16.61 0.37 -0.21
C ARG A 297 17.93 -0.35 -0.04
N VAL A 298 18.84 -0.13 -0.99
CA VAL A 298 20.22 -0.62 -0.85
C VAL A 298 21.19 0.54 -1.09
N ALA A 299 22.13 0.73 -0.17
CA ALA A 299 23.14 1.76 -0.31
C ALA A 299 24.13 1.44 -1.44
N THR A 300 24.33 2.37 -2.36
CA THR A 300 25.34 2.24 -3.44
C THR A 300 26.63 3.01 -3.13
N ALA A 301 26.61 3.78 -2.05
CA ALA A 301 27.78 4.49 -1.53
C ALA A 301 27.62 4.65 -0.03
N ASP A 302 28.72 4.92 0.68
CA ASP A 302 28.63 5.15 2.12
C ASP A 302 27.78 6.39 2.37
N ILE A 303 26.98 6.33 3.43
CA ILE A 303 26.14 7.46 3.85
C ILE A 303 26.30 7.63 5.35
N GLU A 304 26.73 8.82 5.78
CA GLU A 304 26.78 9.09 7.21
C GLU A 304 25.50 9.80 7.64
N VAL A 305 24.90 9.28 8.71
CA VAL A 305 23.63 9.77 9.22
C VAL A 305 23.77 10.03 10.72
N GLU A 306 23.97 11.31 11.08
CA GLU A 306 24.04 11.74 12.47
C GLU A 306 24.98 10.88 13.31
N GLY A 307 26.17 10.63 12.78
CA GLY A 307 27.19 9.82 13.47
C GLY A 307 27.23 8.34 13.12
N GLN A 308 26.12 7.82 12.59
CA GLN A 308 26.01 6.41 12.22
C GLN A 308 26.42 6.26 10.75
N LEU A 309 27.11 5.17 10.41
CA LEU A 309 27.51 4.97 9.02
C LEU A 309 26.75 3.82 8.36
N ILE A 310 26.08 4.15 7.26
CA ILE A 310 25.54 3.15 6.35
C ILE A 310 26.62 2.88 5.32
N ARG A 311 27.02 1.63 5.17
CA ARG A 311 28.05 1.28 4.21
C ARG A 311 27.45 0.86 2.88
N ALA A 312 28.15 1.19 1.79
CA ALA A 312 27.81 0.70 0.48
C ALA A 312 27.58 -0.81 0.54
N GLY A 313 26.43 -1.25 0.04
CA GLY A 313 26.08 -2.66 0.02
C GLY A 313 25.18 -3.10 1.15
N GLU A 314 24.91 -2.20 2.09
CA GLU A 314 24.01 -2.49 3.20
C GLU A 314 22.57 -2.18 2.83
N GLY A 315 21.65 -3.00 3.35
CA GLY A 315 20.22 -2.74 3.18
C GLY A 315 19.70 -1.77 4.22
N VAL A 316 18.76 -0.92 3.80
CA VAL A 316 18.12 0.04 4.69
C VAL A 316 16.61 -0.06 4.41
N ILE A 317 15.82 -0.14 5.47
CA ILE A 317 14.35 -0.10 5.32
C ILE A 317 13.81 1.13 6.03
N VAL A 318 13.19 2.03 5.27
CA VAL A 318 12.56 3.22 5.86
C VAL A 318 11.18 2.81 6.37
N VAL A 319 11.03 2.73 7.70
CA VAL A 319 9.80 2.18 8.30
C VAL A 319 8.84 3.33 8.56
N ASN A 320 7.97 3.56 7.60
CA ASN A 320 7.14 4.76 7.67
C ASN A 320 6.09 4.72 8.77
N SER A 321 5.70 3.52 9.23
CA SER A 321 4.76 3.43 10.36
C SER A 321 5.41 4.01 11.62
N ILE A 322 6.65 3.63 11.87
CA ILE A 322 7.39 4.16 13.03
C ILE A 322 7.69 5.65 12.89
N ALA A 323 8.12 6.06 11.69
CA ALA A 323 8.34 7.46 11.40
C ALA A 323 7.09 8.32 11.64
N ASN A 324 5.93 7.75 11.31
CA ASN A 324 4.66 8.43 11.50
C ASN A 324 4.22 8.53 12.95
N ARG A 325 4.96 7.86 13.84
CA ARG A 325 4.69 7.96 15.28
C ARG A 325 5.81 8.74 15.99
N ASP A 326 6.53 9.58 15.24
CA ASP A 326 7.56 10.46 15.78
C ASP A 326 6.91 11.63 16.52
N GLY A 327 7.05 11.63 17.84
CA GLY A 327 6.41 12.63 18.69
C GLY A 327 6.94 14.03 18.56
N THR A 328 8.10 14.20 17.90
CA THR A 328 8.62 15.55 17.59
C THR A 328 7.88 16.20 16.41
N VAL A 329 7.07 15.39 15.71
CA VAL A 329 6.28 15.86 14.57
C VAL A 329 4.79 15.79 14.88
N TYR A 330 4.34 14.69 15.50
CA TYR A 330 2.93 14.54 15.87
C TYR A 330 2.80 14.39 17.37
N GLU A 331 2.34 15.48 18.00
CA GLU A 331 2.17 15.55 19.44
C GLU A 331 1.25 14.43 19.89
N ASP A 332 1.68 13.66 20.90
CA ASP A 332 0.96 12.47 21.35
C ASP A 332 0.71 11.55 20.15
N PRO A 333 1.80 11.01 19.56
CA PRO A 333 1.75 10.38 18.23
C PRO A 333 0.90 9.12 18.15
N ASP A 334 0.73 8.42 19.28
CA ASP A 334 -0.06 7.18 19.32
C ASP A 334 -1.54 7.43 19.59
N ALA A 335 -1.93 8.69 19.72
CA ALA A 335 -3.35 9.05 19.81
C ALA A 335 -3.91 9.25 18.41
N LEU A 336 -4.98 8.54 18.08
CA LEU A 336 -5.79 8.87 16.91
C LEU A 336 -6.51 10.19 17.18
N ASP A 337 -6.32 11.16 16.29
CA ASP A 337 -6.99 12.44 16.41
C ASP A 337 -7.35 12.93 15.01
N ILE A 338 -8.61 12.71 14.62
CA ILE A 338 -9.07 13.14 13.30
C ILE A 338 -9.07 14.65 13.10
N HIS A 339 -8.89 15.42 14.18
CA HIS A 339 -8.81 16.87 14.10
C HIS A 339 -7.38 17.40 14.02
N ARG A 340 -6.40 16.53 14.20
CA ARG A 340 -5.00 16.94 14.11
C ARG A 340 -4.63 17.20 12.65
N SER A 341 -3.56 17.96 12.44
CA SER A 341 -2.95 18.00 11.12
C SER A 341 -2.01 16.81 11.01
N ALA A 342 -2.38 15.86 10.15
CA ALA A 342 -1.52 14.72 9.86
C ALA A 342 -0.67 15.02 8.62
N ARG A 343 -0.56 16.29 8.27
CA ARG A 343 0.25 16.67 7.12
C ARG A 343 1.72 16.31 7.31
N HIS A 344 2.39 16.09 6.17
CA HIS A 344 3.80 15.65 6.13
C HIS A 344 4.02 14.19 6.52
N HIS A 345 2.95 13.40 6.68
CA HIS A 345 3.13 11.99 7.03
C HIS A 345 3.78 11.24 5.88
N LEU A 346 4.35 10.08 6.21
CA LEU A 346 5.14 9.29 5.27
C LEU A 346 4.42 8.01 4.83
N ALA A 347 3.11 7.91 5.06
CA ALA A 347 2.39 6.69 4.66
C ALA A 347 2.52 6.40 3.16
N PHE A 348 2.74 7.44 2.36
CA PHE A 348 2.89 7.32 0.90
C PHE A 348 4.35 7.46 0.44
N GLY A 349 5.28 7.48 1.38
CA GLY A 349 6.69 7.72 1.07
C GLY A 349 6.98 9.19 0.87
N PHE A 350 8.08 9.48 0.16
CA PHE A 350 8.58 10.84 -0.03
C PHE A 350 9.59 10.79 -1.17
N GLY A 351 9.58 11.81 -2.02
CA GLY A 351 10.60 11.91 -3.06
C GLY A 351 10.16 11.33 -4.38
N VAL A 352 11.11 10.85 -5.17
CA VAL A 352 10.80 10.47 -6.55
C VAL A 352 9.83 9.28 -6.64
N HIS A 353 9.88 8.40 -5.63
CA HIS A 353 9.00 7.22 -5.57
C HIS A 353 7.72 7.44 -4.76
N GLN A 354 7.45 8.67 -4.34
CA GLN A 354 6.22 8.91 -3.57
C GLN A 354 5.02 8.38 -4.33
N CYS A 355 4.11 7.74 -3.59
CA CYS A 355 2.96 7.07 -4.16
C CYS A 355 2.26 7.77 -5.33
N LEU A 356 2.30 7.12 -6.49
CA LEU A 356 1.63 7.64 -7.69
C LEU A 356 0.11 7.68 -7.52
N GLY A 357 -0.41 6.72 -6.76
CA GLY A 357 -1.86 6.60 -6.60
C GLY A 357 -2.46 7.35 -5.44
N GLN A 358 -1.65 8.16 -4.74
CA GLN A 358 -2.10 8.74 -3.46
C GLN A 358 -3.38 9.53 -3.55
N ASN A 359 -3.56 10.29 -4.63
CA ASN A 359 -4.77 11.08 -4.71
C ASN A 359 -5.98 10.26 -5.13
N LEU A 360 -5.75 9.23 -5.94
CA LEU A 360 -6.80 8.25 -6.15
C LEU A 360 -7.24 7.59 -4.84
N ALA A 361 -6.27 7.23 -4.00
CA ALA A 361 -6.54 6.59 -2.73
C ALA A 361 -7.34 7.53 -1.83
N ARG A 362 -6.95 8.80 -1.83
CA ARG A 362 -7.63 9.79 -0.98
C ARG A 362 -9.08 9.98 -1.44
N LEU A 363 -9.30 10.08 -2.76
CA LEU A 363 -10.68 10.14 -3.30
C LEU A 363 -11.50 8.91 -2.90
N GLU A 364 -10.96 7.72 -3.13
CA GLU A 364 -11.66 6.48 -2.80
C GLU A 364 -12.04 6.43 -1.32
N LEU A 365 -11.10 6.80 -0.44
CA LEU A 365 -11.38 6.66 0.99
C LEU A 365 -12.40 7.69 1.46
N GLU A 366 -12.35 8.91 0.92
CA GLU A 366 -13.35 9.93 1.26
C GLU A 366 -14.74 9.44 0.85
N VAL A 367 -14.88 8.97 -0.39
CA VAL A 367 -16.18 8.51 -0.89
C VAL A 367 -16.67 7.29 -0.07
N ILE A 368 -15.78 6.35 0.19
CA ILE A 368 -16.09 5.14 0.98
C ILE A 368 -16.61 5.51 2.38
N LEU A 369 -15.88 6.36 3.10
CA LEU A 369 -16.30 6.75 4.46
C LEU A 369 -17.62 7.52 4.46
N ASN A 370 -17.77 8.49 3.56
CA ASN A 370 -19.05 9.20 3.42
C ASN A 370 -20.21 8.25 3.08
N ALA A 371 -19.96 7.29 2.18
CA ALA A 371 -20.99 6.32 1.80
C ALA A 371 -21.41 5.43 2.96
N LEU A 372 -20.44 4.92 3.71
CA LEU A 372 -20.72 4.07 4.87
C LEU A 372 -21.51 4.85 5.93
N MET A 373 -21.12 6.10 6.19
CA MET A 373 -21.83 6.92 7.17
C MET A 373 -23.25 7.26 6.71
N ASP A 374 -23.41 7.47 5.40
CA ASP A 374 -24.71 7.78 4.82
C ASP A 374 -25.65 6.59 4.81
N ARG A 375 -25.17 5.50 4.22
CA ARG A 375 -26.00 4.34 3.89
C ARG A 375 -26.11 3.34 5.03
N VAL A 376 -25.07 3.25 5.85
CA VAL A 376 -25.06 2.25 6.92
C VAL A 376 -24.61 2.85 8.28
N PRO A 377 -25.37 3.85 8.80
CA PRO A 377 -25.00 4.53 10.06
C PRO A 377 -24.98 3.57 11.25
N THR A 378 -25.67 2.44 11.11
CA THR A 378 -25.71 1.44 12.16
C THR A 378 -24.67 0.34 12.00
N LEU A 379 -23.75 0.51 11.04
CA LEU A 379 -22.70 -0.49 10.85
C LEU A 379 -21.94 -0.76 12.14
N ARG A 380 -21.66 -2.03 12.38
CA ARG A 380 -20.86 -2.44 13.53
C ARG A 380 -20.24 -3.79 13.22
N LEU A 381 -19.15 -4.11 13.90
CA LEU A 381 -18.51 -5.39 13.73
C LEU A 381 -19.40 -6.48 14.30
N ALA A 382 -19.37 -7.65 13.65
CA ALA A 382 -20.18 -8.79 14.06
C ALA A 382 -19.38 -9.75 14.97
N VAL A 383 -18.07 -9.57 15.00
CA VAL A 383 -17.19 -10.29 15.93
C VAL A 383 -16.34 -9.26 16.71
N PRO A 384 -15.80 -9.63 17.89
CA PRO A 384 -14.91 -8.72 18.61
C PRO A 384 -13.61 -8.47 17.85
N VAL A 385 -13.03 -7.28 18.02
CA VAL A 385 -11.78 -6.89 17.35
C VAL A 385 -10.68 -7.95 17.58
N GLU A 386 -10.66 -8.50 18.79
CA GLU A 386 -9.66 -9.49 19.20
C GLU A 386 -9.70 -10.78 18.40
N GLN A 387 -10.86 -11.10 17.81
CA GLN A 387 -11.04 -12.32 17.03
C GLN A 387 -10.61 -12.19 15.57
N LEU A 388 -10.34 -10.96 15.13
CA LEU A 388 -9.88 -10.72 13.77
C LEU A 388 -8.46 -11.26 13.54
N VAL A 389 -8.17 -11.64 12.30
CA VAL A 389 -6.84 -12.14 11.95
C VAL A 389 -6.10 -11.10 11.09
N LEU A 390 -5.07 -10.51 11.69
CA LEU A 390 -4.28 -9.46 11.04
C LEU A 390 -3.18 -10.07 10.18
N ARG A 391 -2.94 -9.47 9.01
CA ARG A 391 -1.84 -9.92 8.15
C ARG A 391 -0.48 -9.59 8.78
N PRO A 392 0.54 -10.42 8.48
CA PRO A 392 1.88 -10.24 9.08
C PRO A 392 2.62 -9.02 8.54
N GLY A 393 3.69 -8.62 9.24
CA GLY A 393 4.51 -7.46 8.86
C GLY A 393 5.32 -7.61 7.58
N THR A 394 5.27 -8.80 7.00
CA THR A 394 5.98 -9.14 5.76
C THR A 394 5.16 -8.81 4.51
N THR A 395 3.96 -8.29 4.72
CA THR A 395 3.08 -7.93 3.61
C THR A 395 2.37 -6.59 3.89
N ILE A 396 1.46 -6.19 3.00
CA ILE A 396 0.60 -5.04 3.25
C ILE A 396 -0.29 -5.29 4.48
N GLN A 397 -0.35 -4.32 5.39
CA GLN A 397 -1.17 -4.50 6.61
C GLN A 397 -2.64 -4.60 6.22
N GLY A 398 -3.40 -5.45 6.93
CA GLY A 398 -4.84 -5.59 6.68
C GLY A 398 -5.42 -6.77 7.45
N VAL A 399 -6.67 -7.12 7.15
CA VAL A 399 -7.30 -8.29 7.76
C VAL A 399 -7.80 -9.23 6.66
N ASN A 400 -7.71 -10.54 6.91
CA ASN A 400 -8.18 -11.55 5.95
C ASN A 400 -9.67 -11.40 5.66
N GLU A 401 -10.43 -11.10 6.71
CA GLU A 401 -11.89 -11.05 6.69
C GLU A 401 -12.36 -10.02 7.71
N LEU A 402 -13.51 -9.38 7.44
CA LEU A 402 -14.10 -8.43 8.39
C LEU A 402 -15.62 -8.59 8.50
N PRO A 403 -16.08 -9.51 9.37
CA PRO A 403 -17.52 -9.72 9.63
C PRO A 403 -18.19 -8.47 10.17
N VAL A 404 -19.23 -8.00 9.48
CA VAL A 404 -19.99 -6.84 9.93
C VAL A 404 -21.50 -7.09 9.91
N THR A 405 -22.22 -6.28 10.68
CA THR A 405 -23.67 -6.30 10.72
C THR A 405 -24.23 -4.87 10.84
N TRP A 406 -25.55 -4.74 10.71
CA TRP A 406 -26.21 -3.44 10.70
C TRP A 406 -27.72 -3.66 10.83
N HIS A 407 -28.49 -2.58 10.94
CA HIS A 407 -29.94 -2.71 10.97
C HIS A 407 -30.50 -3.14 9.62
CHA HEM B . 4.38 3.82 -4.15
CHB HEM B . 1.78 3.45 -0.08
CHC HEM B . -2.30 3.44 -2.70
CHD HEM B . 0.31 2.98 -6.75
C1A HEM B . 4.02 3.79 -2.83
C2A HEM B . 4.93 3.94 -1.71
C3A HEM B . 4.23 3.83 -0.57
C4A HEM B . 2.84 3.60 -0.95
CMA HEM B . 4.78 3.90 0.87
CAA HEM B . 6.45 4.22 -1.85
CBA HEM B . 7.26 3.00 -2.28
CGA HEM B . 8.74 3.26 -2.21
O1A HEM B . 9.18 4.37 -1.83
O2A HEM B . 9.50 2.30 -2.55
C1B HEM B . 0.44 3.49 -0.42
C2B HEM B . -0.68 3.60 0.49
C3B HEM B . -1.80 3.58 -0.23
C4B HEM B . -1.44 3.46 -1.63
CMB HEM B . -0.58 3.72 2.02
CAB HEM B . -3.21 3.72 0.39
CBB HEM B . -4.36 3.42 -0.23
C1C HEM B . -1.97 3.30 -4.03
C2C HEM B . -2.88 3.22 -5.13
C3C HEM B . -2.17 3.08 -6.25
C4C HEM B . -0.78 3.10 -5.90
CMC HEM B . -4.43 3.29 -4.97
CAC HEM B . -2.77 2.97 -7.68
CBC HEM B . -2.16 2.31 -8.65
C1D HEM B . 1.63 3.16 -6.41
C2D HEM B . 2.72 3.12 -7.37
C3D HEM B . 3.98 3.38 -6.58
C4D HEM B . 3.55 3.56 -5.21
CMD HEM B . 2.64 2.87 -8.89
CAD HEM B . 5.42 3.44 -7.14
CBD HEM B . 5.78 4.90 -7.35
CGD HEM B . 7.21 4.96 -7.84
O1D HEM B . 7.54 5.94 -8.53
O2D HEM B . 8.00 4.04 -7.52
NA HEM B . 2.74 3.62 -2.33
NB HEM B . -0.06 3.40 -1.70
NC HEM B . -0.69 3.20 -4.53
ND HEM B . 2.16 3.41 -5.15
FE HEM B . 1.01 3.66 -3.48
#